data_9RJ1
#
_entry.id   9RJ1
#
_cell.length_a   69.185
_cell.length_b   69.185
_cell.length_c   186.433
_cell.angle_alpha   90.000
_cell.angle_beta   90.000
_cell.angle_gamma   90.000
#
_symmetry.space_group_name_H-M   'P 41 21 2'
#
loop_
_entity.id
_entity.type
_entity.pdbx_description
1 polymer 'Cysteine synthase'
2 non-polymer 'BENZOIC ACID'
3 non-polymer 'CHLORIDE ION'
4 non-polymer GLYCEROL
5 non-polymer 'SODIUM ION'
6 water water
#
_entity_poly.entity_id   1
_entity_poly.type   'polypeptide(L)'
_entity_poly.pdbx_seq_one_letter_code
;MEPKCAIKKDVTELIGNTPMVYLNNIAEGCVARIAAKLEYMQACCSV(LLP)DRIALSMIEDAENKGLITPGKTVLIEYT
SGNTGIGLAFIAALRGYKLQVAMPSYVSLERRIILRAFGAEVYLTDPDKGIAGIIEKAEELLAKAADGGYIFKQFENPAN
PNIHYETTGPEIWRDSGEKVDALVAGIGTGGTIAGAGKFLKEKNPDIKLYGVEPSESAVLNGGKPGKHLIQGLGAGIIPA
VLDVNILEEVVQISSEEAIETAKLLALKEGLLMGISSGAAAAAAIKVGKRPENAGKLIVVIFPSFGERYLSSPLFESIRQ
EAEQMTFD
;
_entity_poly.pdbx_strand_id   A
#
# COMPACT_ATOMS: atom_id res chain seq x y z
N LYS A 4 -20.32 -10.39 23.19
CA LYS A 4 -19.02 -10.91 23.54
C LYS A 4 -18.45 -11.70 22.37
N CYS A 5 -19.29 -12.51 21.71
CA CYS A 5 -18.76 -13.62 20.91
C CYS A 5 -18.10 -13.17 19.61
N ALA A 6 -18.47 -12.00 19.05
CA ALA A 6 -17.75 -11.48 17.89
C ALA A 6 -17.00 -10.17 18.16
N ILE A 7 -16.97 -9.71 19.40
CA ILE A 7 -16.33 -8.43 19.72
C ILE A 7 -14.82 -8.60 19.71
N LYS A 8 -14.12 -7.69 19.03
CA LYS A 8 -12.67 -7.79 18.89
C LYS A 8 -11.98 -7.33 20.17
N LYS A 9 -10.82 -7.94 20.44
CA LYS A 9 -10.09 -7.66 21.69
C LYS A 9 -9.59 -6.22 21.71
N ASP A 10 -9.03 -5.75 20.59
CA ASP A 10 -8.53 -4.40 20.46
C ASP A 10 -8.35 -4.15 18.96
N VAL A 11 -7.85 -2.96 18.62
CA VAL A 11 -7.74 -2.51 17.22
C VAL A 11 -6.87 -3.44 16.40
N THR A 12 -5.92 -4.18 17.01
CA THR A 12 -5.07 -5.03 16.18
C THR A 12 -5.82 -6.21 15.58
N GLU A 13 -7.01 -6.54 16.12
CA GLU A 13 -7.82 -7.61 15.56
C GLU A 13 -8.73 -7.09 14.46
N LEU A 14 -8.61 -5.81 14.11
CA LEU A 14 -9.30 -5.20 12.98
C LEU A 14 -8.38 -5.01 11.79
N ILE A 15 -7.30 -5.78 11.71
CA ILE A 15 -6.34 -5.70 10.62
C ILE A 15 -6.56 -6.87 9.66
N GLY A 16 -6.49 -6.59 8.35
CA GLY A 16 -6.70 -7.65 7.36
C GLY A 16 -8.17 -8.06 7.27
N ASN A 17 -8.39 -9.25 6.71
CA ASN A 17 -9.75 -9.79 6.51
C ASN A 17 -10.62 -8.80 5.73
N THR A 18 -10.03 -8.21 4.66
CA THR A 18 -10.71 -7.18 3.88
C THR A 18 -11.58 -7.80 2.79
N PRO A 19 -12.65 -7.11 2.38
CA PRO A 19 -13.57 -7.65 1.37
C PRO A 19 -13.13 -7.37 -0.07
N MET A 20 -13.76 -8.12 -0.99
CA MET A 20 -13.59 -7.90 -2.43
C MET A 20 -14.92 -7.52 -3.04
N VAL A 21 -14.86 -6.72 -4.10
CA VAL A 21 -16.06 -6.26 -4.80
C VAL A 21 -15.81 -6.33 -6.31
N TYR A 22 -16.82 -6.78 -7.06
CA TYR A 22 -16.69 -6.76 -8.52
C TYR A 22 -16.62 -5.33 -9.05
N LEU A 23 -15.81 -5.14 -10.10
CA LEU A 23 -15.82 -3.91 -10.88
C LEU A 23 -16.78 -4.10 -12.06
N ASN A 24 -17.65 -3.12 -12.27
CA ASN A 24 -18.72 -3.36 -13.24
C ASN A 24 -18.64 -2.40 -14.41
N ASN A 25 -19.25 -1.21 -14.33
CA ASN A 25 -19.30 -0.35 -15.52
CA ASN A 25 -19.30 -0.33 -15.50
C ASN A 25 -17.91 0.12 -15.94
N ILE A 26 -17.00 0.36 -15.00
CA ILE A 26 -15.65 0.76 -15.37
C ILE A 26 -14.91 -0.34 -16.16
N ALA A 27 -15.33 -1.60 -15.99
CA ALA A 27 -14.72 -2.72 -16.69
C ALA A 27 -15.45 -3.10 -17.99
N GLU A 28 -16.31 -2.22 -18.50
CA GLU A 28 -16.97 -2.46 -19.78
C GLU A 28 -15.93 -2.80 -20.85
N GLY A 29 -16.16 -3.88 -21.59
CA GLY A 29 -15.23 -4.31 -22.60
C GLY A 29 -14.29 -5.41 -22.18
N CYS A 30 -14.06 -5.58 -20.87
CA CYS A 30 -13.24 -6.68 -20.39
C CYS A 30 -13.92 -8.00 -20.68
N VAL A 31 -13.13 -9.00 -21.07
CA VAL A 31 -13.64 -10.35 -21.24
C VAL A 31 -13.34 -11.22 -20.02
N ALA A 32 -12.49 -10.75 -19.11
CA ALA A 32 -12.35 -11.32 -17.78
C ALA A 32 -13.23 -10.57 -16.80
N ARG A 33 -13.51 -11.21 -15.67
CA ARG A 33 -14.19 -10.58 -14.56
C ARG A 33 -13.12 -10.04 -13.62
N ILE A 34 -13.33 -8.85 -13.06
CA ILE A 34 -12.34 -8.22 -12.17
C ILE A 34 -12.97 -7.95 -10.82
N ALA A 35 -12.27 -8.36 -9.75
CA ALA A 35 -12.69 -8.10 -8.37
C ALA A 35 -11.57 -7.34 -7.67
N ALA A 36 -11.95 -6.26 -6.97
CA ALA A 36 -11.00 -5.41 -6.26
C ALA A 36 -11.01 -5.74 -4.77
N LYS A 37 -9.83 -5.91 -4.17
CA LYS A 37 -9.73 -6.18 -2.74
C LYS A 37 -9.46 -4.86 -2.04
N LEU A 38 -10.34 -4.49 -1.10
CA LEU A 38 -10.41 -3.12 -0.57
C LEU A 38 -9.62 -3.03 0.73
N GLU A 39 -8.33 -2.71 0.59
CA GLU A 39 -7.49 -2.64 1.79
C GLU A 39 -7.79 -1.43 2.67
N TYR A 40 -8.62 -0.48 2.24
CA TYR A 40 -9.00 0.57 3.18
C TYR A 40 -9.96 0.10 4.28
N MET A 41 -10.54 -1.09 4.15
CA MET A 41 -11.49 -1.57 5.14
CA MET A 41 -11.50 -1.58 5.14
C MET A 41 -10.79 -2.31 6.29
N GLN A 42 -9.96 -1.56 7.02
CA GLN A 42 -9.31 -2.12 8.20
C GLN A 42 -8.87 -0.96 9.10
N ALA A 43 -8.18 -1.31 10.20
CA ALA A 43 -7.99 -0.44 11.36
C ALA A 43 -7.68 1.03 11.05
N CYS A 44 -6.64 1.27 10.25
CA CYS A 44 -6.29 2.64 9.87
CA CYS A 44 -6.24 2.62 9.87
C CYS A 44 -6.26 2.80 8.36
N CYS A 45 -7.08 2.01 7.68
CA CYS A 45 -7.49 2.27 6.30
C CYS A 45 -6.37 2.14 5.27
N SER A 46 -5.36 1.29 5.49
CA SER A 46 -4.48 0.96 4.37
C SER A 46 -3.86 -0.41 4.57
N VAL A 47 -3.37 -0.94 3.44
CA VAL A 47 -2.69 -2.24 3.40
C VAL A 47 -1.55 -2.31 4.40
N ASP A 49 -1.28 -1.48 7.39
CA ASP A 49 -1.61 -1.93 8.74
C ASP A 49 -1.18 -3.38 8.96
N ARG A 50 -1.29 -4.21 7.92
CA ARG A 50 -0.87 -5.62 8.01
C ARG A 50 0.60 -5.73 8.34
N ILE A 51 1.45 -4.96 7.64
CA ILE A 51 2.88 -5.15 7.84
C ILE A 51 3.35 -4.44 9.11
N ALA A 52 2.68 -3.35 9.53
CA ALA A 52 3.03 -2.75 10.81
C ALA A 52 2.85 -3.74 11.95
N LEU A 53 1.71 -4.45 11.97
CA LEU A 53 1.53 -5.43 13.05
C LEU A 53 2.52 -6.57 12.91
N SER A 54 2.76 -7.05 11.68
CA SER A 54 3.66 -8.20 11.49
CA SER A 54 3.64 -8.21 11.55
C SER A 54 5.08 -7.86 11.91
N MET A 55 5.56 -6.67 11.52
CA MET A 55 6.93 -6.28 11.88
C MET A 55 7.07 -6.03 13.38
N ILE A 56 6.07 -5.41 14.01
CA ILE A 56 6.12 -5.23 15.47
C ILE A 56 6.09 -6.57 16.19
N GLU A 57 5.19 -7.47 15.78
CA GLU A 57 5.11 -8.78 16.45
C GLU A 57 6.41 -9.57 16.28
N ASP A 58 7.01 -9.52 15.08
CA ASP A 58 8.28 -10.20 14.87
C ASP A 58 9.36 -9.67 15.81
N ALA A 59 9.47 -8.35 15.92
CA ALA A 59 10.46 -7.76 16.83
C ALA A 59 10.17 -8.13 18.28
N GLU A 60 8.89 -8.15 18.66
CA GLU A 60 8.53 -8.58 20.02
C GLU A 60 8.91 -10.05 20.27
N ASN A 61 8.66 -10.93 19.29
CA ASN A 61 8.99 -12.35 19.44
C ASN A 61 10.48 -12.56 19.63
N LYS A 62 11.30 -11.63 19.16
CA LYS A 62 12.75 -11.70 19.32
C LYS A 62 13.25 -10.83 20.47
N GLY A 63 12.36 -10.19 21.23
CA GLY A 63 12.82 -9.34 22.31
C GLY A 63 13.57 -8.12 21.86
N LEU A 64 13.39 -7.70 20.60
CA LEU A 64 14.16 -6.59 20.04
C LEU A 64 13.54 -5.22 20.33
N ILE A 65 12.28 -5.18 20.76
CA ILE A 65 11.63 -3.94 21.17
C ILE A 65 10.91 -4.21 22.49
N THR A 66 10.94 -3.20 23.38
CA THR A 66 10.33 -3.27 24.70
C THR A 66 9.56 -1.98 24.95
N PRO A 67 8.28 -2.06 25.30
CA PRO A 67 7.50 -0.83 25.54
C PRO A 67 8.09 0.02 26.66
N GLY A 68 8.13 1.33 26.44
CA GLY A 68 8.69 2.26 27.41
C GLY A 68 10.20 2.29 27.45
N LYS A 69 10.88 1.45 26.66
CA LYS A 69 12.33 1.46 26.59
C LYS A 69 12.82 1.75 25.18
N THR A 70 12.44 0.92 24.20
CA THR A 70 13.01 1.01 22.87
C THR A 70 12.31 2.10 22.07
N VAL A 71 13.09 2.88 21.32
CA VAL A 71 12.51 3.82 20.37
C VAL A 71 12.32 3.10 19.04
N LEU A 72 11.08 3.04 18.57
CA LEU A 72 10.81 2.50 17.25
C LEU A 72 11.06 3.57 16.19
N ILE A 73 11.63 3.16 15.05
CA ILE A 73 12.05 4.08 14.00
C ILE A 73 11.68 3.47 12.65
N GLU A 74 11.11 4.26 11.76
CA GLU A 74 10.89 3.74 10.41
C GLU A 74 11.02 4.86 9.40
N TYR A 75 11.53 4.53 8.22
CA TYR A 75 11.52 5.42 7.07
C TYR A 75 10.24 5.12 6.27
N THR A 76 9.51 6.17 5.88
CA THR A 76 8.16 5.94 5.34
C THR A 76 7.74 7.14 4.52
N SER A 77 6.80 6.89 3.59
CA SER A 77 6.11 7.96 2.87
C SER A 77 4.72 8.23 3.45
N GLY A 78 4.38 7.59 4.55
CA GLY A 78 3.14 7.89 5.24
C GLY A 78 2.37 6.68 5.75
N ASN A 79 2.02 5.74 4.89
CA ASN A 79 1.09 4.70 5.34
C ASN A 79 1.72 3.73 6.32
N THR A 80 2.96 3.29 6.07
CA THR A 80 3.61 2.41 7.05
C THR A 80 3.80 3.13 8.38
N GLY A 81 4.18 4.41 8.32
CA GLY A 81 4.29 5.17 9.55
C GLY A 81 2.99 5.24 10.33
N ILE A 82 1.87 5.45 9.63
CA ILE A 82 0.58 5.51 10.30
C ILE A 82 0.20 4.16 10.90
N GLY A 83 0.48 3.07 10.16
CA GLY A 83 0.22 1.75 10.71
C GLY A 83 1.02 1.49 11.97
N LEU A 84 2.33 1.81 11.94
CA LEU A 84 3.12 1.64 13.16
C LEU A 84 2.60 2.54 14.27
N ALA A 85 2.13 3.75 13.92
CA ALA A 85 1.79 4.74 14.93
C ALA A 85 0.58 4.33 15.78
N PHE A 86 -0.47 3.78 15.15
CA PHE A 86 -1.62 3.42 15.99
C PHE A 86 -1.30 2.22 16.88
N ILE A 87 -0.45 1.30 16.42
CA ILE A 87 -0.07 0.17 17.27
C ILE A 87 0.91 0.60 18.34
N ALA A 88 1.84 1.51 18.00
CA ALA A 88 2.76 2.01 19.02
C ALA A 88 2.01 2.76 20.13
N ALA A 89 0.99 3.53 19.75
CA ALA A 89 0.16 4.22 20.76
C ALA A 89 -0.53 3.21 21.69
N LEU A 90 -1.21 2.21 21.10
CA LEU A 90 -1.89 1.17 21.87
C LEU A 90 -0.95 0.45 22.85
N ARG A 91 0.25 0.12 22.39
CA ARG A 91 1.12 -0.78 23.13
C ARG A 91 2.17 -0.07 23.97
N GLY A 92 2.24 1.26 23.90
CA GLY A 92 3.15 2.00 24.76
C GLY A 92 4.56 2.17 24.23
N TYR A 93 4.76 2.19 22.91
CA TYR A 93 6.07 2.42 22.32
C TYR A 93 6.20 3.88 21.87
N LYS A 94 7.38 4.45 22.10
CA LYS A 94 7.75 5.69 21.43
C LYS A 94 8.09 5.40 19.97
N LEU A 95 7.62 6.26 19.06
CA LEU A 95 7.83 6.05 17.63
C LEU A 95 8.31 7.33 16.97
N GLN A 96 9.38 7.21 16.16
CA GLN A 96 9.90 8.29 15.33
C GLN A 96 9.90 7.86 13.87
N VAL A 97 9.35 8.69 12.98
CA VAL A 97 9.34 8.36 11.56
C VAL A 97 10.15 9.40 10.80
N ALA A 98 10.90 8.92 9.79
CA ALA A 98 11.61 9.77 8.85
C ALA A 98 10.84 9.78 7.53
N MET A 99 10.49 10.97 7.05
CA MET A 99 9.65 11.10 5.86
C MET A 99 10.14 12.25 5.01
N PRO A 100 9.98 12.17 3.68
CA PRO A 100 10.30 13.34 2.84
C PRO A 100 9.37 14.50 3.14
N SER A 101 9.90 15.72 2.96
CA SER A 101 9.11 16.90 3.31
C SER A 101 7.90 17.11 2.40
N TYR A 102 7.77 16.36 1.30
CA TYR A 102 6.59 16.56 0.46
C TYR A 102 5.37 15.78 0.94
N VAL A 103 5.52 14.91 1.95
CA VAL A 103 4.35 14.19 2.45
C VAL A 103 3.30 15.20 2.95
N SER A 104 2.03 14.89 2.69
CA SER A 104 0.94 15.82 2.97
C SER A 104 0.90 16.22 4.45
N LEU A 105 0.46 17.46 4.69
CA LEU A 105 0.21 17.92 6.04
C LEU A 105 -0.78 17.01 6.75
N GLU A 106 -1.76 16.49 6.00
CA GLU A 106 -2.78 15.63 6.60
C GLU A 106 -2.16 14.38 7.22
N ARG A 107 -1.21 13.75 6.52
CA ARG A 107 -0.65 12.53 7.10
C ARG A 107 0.26 12.84 8.28
N ARG A 108 0.92 14.00 8.26
CA ARG A 108 1.71 14.40 9.42
C ARG A 108 0.82 14.70 10.63
N ILE A 109 -0.36 15.27 10.39
CA ILE A 109 -1.32 15.47 11.48
C ILE A 109 -1.74 14.14 12.10
N ILE A 110 -2.04 13.14 11.26
CA ILE A 110 -2.45 11.85 11.79
C ILE A 110 -1.35 11.23 12.62
N LEU A 111 -0.11 11.30 12.13
CA LEU A 111 1.01 10.73 12.89
C LEU A 111 1.11 11.40 14.25
N ARG A 112 1.00 12.73 14.30
CA ARG A 112 1.11 13.44 15.57
CA ARG A 112 1.11 13.44 15.57
C ARG A 112 -0.07 13.16 16.50
N ALA A 113 -1.27 12.95 15.92
CA ALA A 113 -2.44 12.61 16.74
C ALA A 113 -2.24 11.28 17.47
N PHE A 114 -1.45 10.38 16.89
CA PHE A 114 -1.10 9.13 17.57
C PHE A 114 0.14 9.28 18.46
N GLY A 115 0.70 10.48 18.58
CA GLY A 115 1.86 10.70 19.42
C GLY A 115 3.20 10.40 18.78
N ALA A 116 3.25 10.07 17.48
CA ALA A 116 4.51 9.79 16.83
C ALA A 116 5.28 11.09 16.59
N GLU A 117 6.60 10.99 16.60
CA GLU A 117 7.47 12.12 16.26
C GLU A 117 7.84 12.06 14.78
N VAL A 118 7.80 13.22 14.12
CA VAL A 118 7.96 13.31 12.66
C VAL A 118 9.24 14.06 12.36
N TYR A 119 10.11 13.45 11.56
CA TYR A 119 11.36 14.06 11.12
C TYR A 119 11.36 14.11 9.60
N LEU A 120 11.32 15.32 9.04
CA LEU A 120 11.26 15.49 7.59
C LEU A 120 12.66 15.54 6.98
N THR A 121 12.76 15.04 5.75
CA THR A 121 14.02 14.97 5.02
C THR A 121 13.91 15.67 3.68
N ASP A 122 15.07 15.98 3.11
CA ASP A 122 15.17 16.68 1.84
C ASP A 122 14.69 15.79 0.70
N PRO A 123 13.64 16.18 -0.03
CA PRO A 123 13.15 15.33 -1.13
C PRO A 123 14.18 15.06 -2.21
N ASP A 124 15.18 15.94 -2.37
CA ASP A 124 16.19 15.71 -3.40
C ASP A 124 17.13 14.56 -3.06
N LYS A 125 17.14 14.11 -1.80
CA LYS A 125 17.99 13.00 -1.39
C LYS A 125 17.29 11.65 -1.50
N GLY A 126 16.03 11.63 -1.93
CA GLY A 126 15.29 10.42 -2.24
C GLY A 126 15.25 9.43 -1.08
N ILE A 127 15.22 8.15 -1.44
CA ILE A 127 15.15 7.10 -0.43
C ILE A 127 16.40 7.14 0.46
N ALA A 128 17.55 7.48 -0.13
CA ALA A 128 18.79 7.61 0.65
C ALA A 128 18.61 8.60 1.79
N GLY A 129 17.84 9.67 1.56
CA GLY A 129 17.65 10.67 2.60
C GLY A 129 16.90 10.14 3.81
N ILE A 130 15.83 9.37 3.59
CA ILE A 130 15.05 8.91 4.73
C ILE A 130 15.76 7.77 5.45
N ILE A 131 16.51 6.94 4.73
CA ILE A 131 17.29 5.90 5.39
C ILE A 131 18.39 6.53 6.25
N GLU A 132 19.04 7.58 5.72
CA GLU A 132 20.08 8.29 6.48
C GLU A 132 19.52 8.89 7.76
N LYS A 133 18.33 9.52 7.68
CA LYS A 133 17.72 10.11 8.86
C LYS A 133 17.36 9.03 9.88
N ALA A 134 16.81 7.90 9.42
CA ALA A 134 16.52 6.81 10.34
C ALA A 134 17.78 6.32 11.06
N GLU A 135 18.90 6.25 10.33
CA GLU A 135 20.15 5.85 10.96
C GLU A 135 20.62 6.90 11.98
N GLU A 136 20.44 8.18 11.66
CA GLU A 136 20.78 9.23 12.61
C GLU A 136 19.96 9.12 13.88
N LEU A 137 18.65 8.86 13.73
CA LEU A 137 17.78 8.70 14.89
C LEU A 137 18.19 7.51 15.74
N LEU A 138 18.58 6.41 15.09
CA LEU A 138 19.00 5.23 15.84
C LEU A 138 20.24 5.52 16.66
N ALA A 139 21.17 6.32 16.11
CA ALA A 139 22.39 6.65 16.84
C ALA A 139 22.11 7.52 18.05
N LYS A 140 21.01 8.28 18.04
CA LYS A 140 20.67 9.15 19.16
C LYS A 140 19.81 8.46 20.21
N ALA A 141 19.32 7.25 19.95
CA ALA A 141 18.44 6.56 20.90
C ALA A 141 19.25 6.08 22.08
N ALA A 142 19.06 6.71 23.24
CA ALA A 142 19.95 6.47 24.38
C ALA A 142 19.73 5.10 25.01
N ASP A 143 18.49 4.62 25.04
CA ASP A 143 18.19 3.32 25.61
C ASP A 143 17.93 2.25 24.55
N GLY A 144 18.42 2.46 23.33
CA GLY A 144 18.21 1.48 22.29
C GLY A 144 17.11 1.88 21.33
N GLY A 145 17.31 1.57 20.05
CA GLY A 145 16.27 1.81 19.06
C GLY A 145 16.19 0.63 18.12
N TYR A 146 15.19 0.67 17.23
CA TYR A 146 14.99 -0.40 16.26
C TYR A 146 14.40 0.19 14.99
N ILE A 147 15.08 0.04 13.84
CA ILE A 147 14.56 0.49 12.54
C ILE A 147 13.91 -0.69 11.84
N PHE A 148 12.66 -0.52 11.39
CA PHE A 148 11.94 -1.66 10.84
C PHE A 148 12.40 -2.07 9.44
N LYS A 149 12.79 -1.13 8.58
CA LYS A 149 13.33 -1.43 7.24
C LYS A 149 12.37 -2.26 6.37
N GLN A 150 11.22 -1.67 6.08
CA GLN A 150 10.17 -2.39 5.36
C GLN A 150 10.59 -2.87 3.97
N PHE A 151 11.62 -2.29 3.36
CA PHE A 151 12.05 -2.77 2.04
C PHE A 151 12.81 -4.10 2.10
N GLU A 152 13.35 -4.48 3.27
CA GLU A 152 14.09 -5.73 3.39
C GLU A 152 13.57 -6.66 4.47
N ASN A 153 12.61 -6.23 5.28
CA ASN A 153 12.17 -7.02 6.44
C ASN A 153 11.26 -8.16 5.98
N PRO A 154 11.64 -9.43 6.16
CA PRO A 154 10.79 -10.53 5.67
C PRO A 154 9.40 -10.58 6.29
N ALA A 155 9.18 -9.94 7.45
CA ALA A 155 7.84 -9.94 8.03
C ALA A 155 6.86 -9.18 7.15
N ASN A 156 7.34 -8.39 6.21
CA ASN A 156 6.49 -7.66 5.28
C ASN A 156 5.88 -8.64 4.27
N PRO A 157 6.64 -9.28 3.37
CA PRO A 157 5.98 -10.27 2.50
C PRO A 157 5.36 -11.43 3.27
N ASN A 158 5.93 -11.83 4.40
CA ASN A 158 5.41 -13.00 5.08
C ASN A 158 3.97 -12.79 5.54
N ILE A 159 3.61 -11.57 5.97
CA ILE A 159 2.23 -11.41 6.42
C ILE A 159 1.27 -11.53 5.24
N HIS A 160 1.72 -11.15 4.04
CA HIS A 160 0.82 -11.29 2.88
C HIS A 160 0.72 -12.75 2.45
N TYR A 161 1.77 -13.53 2.71
CA TYR A 161 1.69 -14.97 2.51
C TYR A 161 0.72 -15.62 3.49
N GLU A 162 0.66 -15.08 4.72
CA GLU A 162 -0.13 -15.67 5.80
C GLU A 162 -1.57 -15.21 5.83
N THR A 163 -1.89 -14.02 5.27
CA THR A 163 -3.22 -13.46 5.41
C THR A 163 -3.79 -12.99 4.07
N THR A 164 -3.12 -12.03 3.40
CA THR A 164 -3.68 -11.46 2.16
C THR A 164 -3.96 -12.54 1.11
N GLY A 165 -2.98 -13.41 0.83
CA GLY A 165 -3.14 -14.44 -0.16
C GLY A 165 -4.23 -15.44 0.19
N PRO A 166 -4.16 -16.00 1.41
CA PRO A 166 -5.23 -16.92 1.83
C PRO A 166 -6.63 -16.32 1.76
N GLU A 167 -6.78 -15.02 2.07
CA GLU A 167 -8.08 -14.36 1.95
C GLU A 167 -8.56 -14.34 0.50
N ILE A 168 -7.66 -14.02 -0.44
CA ILE A 168 -8.03 -14.00 -1.85
C ILE A 168 -8.47 -15.38 -2.32
N TRP A 169 -7.69 -16.41 -1.94
CA TRP A 169 -8.00 -17.78 -2.34
C TRP A 169 -9.35 -18.20 -1.83
N ARG A 170 -9.60 -17.96 -0.54
CA ARG A 170 -10.85 -18.39 0.08
C ARG A 170 -12.04 -17.59 -0.45
N ASP A 171 -11.91 -16.26 -0.47
CA ASP A 171 -13.04 -15.41 -0.83
C ASP A 171 -13.39 -15.47 -2.31
N SER A 172 -12.44 -15.85 -3.17
CA SER A 172 -12.73 -16.07 -4.58
C SER A 172 -13.29 -17.46 -4.86
N GLY A 173 -13.60 -18.25 -3.83
CA GLY A 173 -14.03 -19.62 -4.05
C GLY A 173 -13.00 -20.47 -4.78
N GLU A 174 -11.72 -20.16 -4.58
CA GLU A 174 -10.57 -20.83 -5.20
C GLU A 174 -10.55 -20.64 -6.73
N LYS A 175 -11.22 -19.61 -7.24
CA LYS A 175 -11.33 -19.42 -8.69
C LYS A 175 -10.45 -18.29 -9.21
N VAL A 176 -9.70 -17.60 -8.34
CA VAL A 176 -8.83 -16.53 -8.82
C VAL A 176 -7.81 -17.08 -9.82
N ASP A 177 -7.68 -16.37 -10.96
CA ASP A 177 -6.73 -16.76 -12.01
C ASP A 177 -5.52 -15.85 -12.10
N ALA A 178 -5.58 -14.65 -11.54
CA ALA A 178 -4.51 -13.68 -11.69
C ALA A 178 -4.60 -12.69 -10.55
N LEU A 179 -3.45 -12.14 -10.18
CA LEU A 179 -3.37 -11.08 -9.18
C LEU A 179 -2.67 -9.90 -9.82
N VAL A 180 -3.29 -8.71 -9.74
CA VAL A 180 -2.71 -7.46 -10.21
C VAL A 180 -2.45 -6.59 -8.99
N ALA A 181 -1.19 -6.18 -8.79
CA ALA A 181 -0.86 -5.37 -7.61
C ALA A 181 0.27 -4.39 -7.92
N GLY A 182 0.06 -3.13 -7.57
CA GLY A 182 1.14 -2.16 -7.64
C GLY A 182 2.27 -2.55 -6.70
N ILE A 183 3.49 -2.19 -7.10
CA ILE A 183 4.69 -2.54 -6.34
C ILE A 183 5.27 -1.27 -5.70
N GLY A 184 5.29 -1.24 -4.36
CA GLY A 184 5.96 -0.20 -3.61
C GLY A 184 7.16 -0.83 -2.93
N THR A 185 6.93 -1.49 -1.79
CA THR A 185 7.96 -2.39 -1.24
C THR A 185 7.97 -3.71 -1.97
N GLY A 186 6.88 -4.05 -2.68
CA GLY A 186 6.75 -5.35 -3.30
C GLY A 186 6.28 -6.45 -2.36
N GLY A 187 6.06 -6.15 -1.07
CA GLY A 187 5.65 -7.18 -0.14
C GLY A 187 4.32 -7.83 -0.50
N THR A 188 3.36 -7.03 -0.94
CA THR A 188 2.03 -7.59 -1.22
C THR A 188 2.12 -8.64 -2.33
N ILE A 189 2.65 -8.26 -3.49
CA ILE A 189 2.63 -9.23 -4.58
C ILE A 189 3.60 -10.38 -4.31
N ALA A 190 4.70 -10.12 -3.56
CA ALA A 190 5.65 -11.19 -3.27
C ALA A 190 5.04 -12.24 -2.37
N GLY A 191 4.38 -11.81 -1.30
CA GLY A 191 3.86 -12.73 -0.30
C GLY A 191 2.55 -13.35 -0.73
N ALA A 192 1.58 -12.51 -1.13
CA ALA A 192 0.31 -13.05 -1.58
C ALA A 192 0.51 -13.88 -2.86
N GLY A 193 1.36 -13.41 -3.77
CA GLY A 193 1.60 -14.13 -5.00
C GLY A 193 2.27 -15.48 -4.78
N LYS A 194 3.25 -15.53 -3.86
CA LYS A 194 3.87 -16.81 -3.51
C LYS A 194 2.84 -17.81 -3.00
N PHE A 195 1.95 -17.37 -2.09
CA PHE A 195 0.91 -18.26 -1.61
C PHE A 195 -0.01 -18.73 -2.75
N LEU A 196 -0.50 -17.79 -3.56
CA LEU A 196 -1.44 -18.17 -4.61
C LEU A 196 -0.83 -19.15 -5.60
N LYS A 197 0.43 -18.93 -5.98
CA LYS A 197 1.08 -19.85 -6.92
CA LYS A 197 1.03 -19.86 -6.94
C LYS A 197 1.26 -21.23 -6.32
N GLU A 198 1.45 -21.33 -4.99
CA GLU A 198 1.46 -22.64 -4.36
C GLU A 198 0.10 -23.31 -4.48
N LYS A 199 -0.99 -22.54 -4.34
CA LYS A 199 -2.30 -23.16 -4.46
C LYS A 199 -2.57 -23.58 -5.90
N ASN A 200 -2.25 -22.72 -6.85
CA ASN A 200 -2.52 -22.98 -8.27
C ASN A 200 -1.38 -22.37 -9.07
N PRO A 201 -0.45 -23.18 -9.60
CA PRO A 201 0.72 -22.59 -10.27
C PRO A 201 0.38 -21.94 -11.60
N ASP A 202 -0.85 -22.09 -12.09
CA ASP A 202 -1.25 -21.37 -13.31
C ASP A 202 -1.61 -19.91 -13.05
N ILE A 203 -1.75 -19.50 -11.78
CA ILE A 203 -2.08 -18.11 -11.49
C ILE A 203 -0.95 -17.22 -11.94
N LYS A 204 -1.29 -16.11 -12.60
CA LYS A 204 -0.32 -15.18 -13.13
C LYS A 204 -0.30 -13.91 -12.29
N LEU A 205 0.91 -13.40 -12.02
CA LEU A 205 1.10 -12.23 -11.17
C LEU A 205 1.54 -11.05 -12.02
N TYR A 206 0.77 -9.95 -11.95
CA TYR A 206 1.06 -8.74 -12.70
C TYR A 206 1.41 -7.61 -11.75
N GLY A 207 2.68 -7.16 -11.76
CA GLY A 207 3.04 -5.95 -11.05
C GLY A 207 2.59 -4.71 -11.80
N VAL A 208 2.54 -3.57 -11.09
CA VAL A 208 2.25 -2.27 -11.70
C VAL A 208 3.28 -1.28 -11.20
N GLU A 209 3.81 -0.45 -12.10
CA GLU A 209 4.77 0.57 -11.74
C GLU A 209 4.52 1.81 -12.60
N PRO A 210 5.01 2.97 -12.19
CA PRO A 210 4.81 4.18 -13.01
C PRO A 210 5.64 4.12 -14.27
N SER A 211 5.06 4.56 -15.39
CA SER A 211 5.83 4.62 -16.62
C SER A 211 6.96 5.66 -16.55
N GLU A 212 6.86 6.63 -15.63
CA GLU A 212 7.92 7.62 -15.46
C GLU A 212 9.07 7.15 -14.58
N SER A 213 8.93 6.00 -13.92
CA SER A 213 9.98 5.47 -13.04
C SER A 213 9.94 3.94 -13.13
N ALA A 214 10.15 3.45 -14.35
CA ALA A 214 9.90 2.03 -14.68
C ALA A 214 11.15 1.18 -14.42
N VAL A 215 11.62 1.22 -13.17
CA VAL A 215 12.87 0.56 -12.79
C VAL A 215 12.78 -0.97 -12.92
N LEU A 216 11.62 -1.55 -12.61
CA LEU A 216 11.49 -3.00 -12.76
C LEU A 216 11.59 -3.43 -14.21
N ASN A 217 11.19 -2.57 -15.15
CA ASN A 217 11.33 -2.87 -16.56
C ASN A 217 12.65 -2.37 -17.14
N GLY A 218 13.59 -1.94 -16.30
CA GLY A 218 14.88 -1.51 -16.77
C GLY A 218 15.02 -0.02 -17.06
N GLY A 219 14.00 0.77 -16.77
CA GLY A 219 14.11 2.20 -16.94
C GLY A 219 14.84 2.87 -15.78
N LYS A 220 15.15 4.16 -15.96
CA LYS A 220 15.77 4.95 -14.92
C LYS A 220 14.71 5.49 -13.97
N PRO A 221 15.07 5.79 -12.72
CA PRO A 221 14.11 6.42 -11.81
C PRO A 221 13.75 7.82 -12.29
N GLY A 222 12.54 8.24 -11.95
CA GLY A 222 12.07 9.57 -12.31
C GLY A 222 10.91 9.98 -11.44
N LYS A 223 10.61 11.28 -11.47
CA LYS A 223 9.52 11.82 -10.65
C LYS A 223 8.17 11.40 -11.20
N HIS A 224 7.25 11.07 -10.31
CA HIS A 224 5.90 10.67 -10.68
C HIS A 224 4.95 11.04 -9.55
N LEU A 225 3.66 10.85 -9.79
CA LEU A 225 2.62 11.23 -8.84
C LEU A 225 1.89 10.05 -8.21
N ILE A 226 2.28 8.82 -8.50
CA ILE A 226 1.52 7.65 -8.04
C ILE A 226 2.03 7.31 -6.64
N GLN A 227 1.47 8.01 -5.65
CA GLN A 227 1.87 7.83 -4.26
C GLN A 227 1.71 6.38 -3.83
N GLY A 228 2.78 5.81 -3.26
CA GLY A 228 2.80 4.43 -2.85
C GLY A 228 3.53 3.50 -3.79
N LEU A 229 3.68 3.87 -5.07
CA LEU A 229 4.40 3.09 -6.05
C LEU A 229 5.72 3.77 -6.39
N GLY A 230 6.53 3.11 -7.21
CA GLY A 230 7.71 3.73 -7.81
C GLY A 230 8.75 4.23 -6.82
N ALA A 231 9.30 3.33 -6.00
CA ALA A 231 10.36 3.71 -5.06
C ALA A 231 11.69 4.01 -5.74
N GLY A 232 11.83 3.70 -7.04
CA GLY A 232 13.08 3.94 -7.72
C GLY A 232 14.17 2.90 -7.48
N ILE A 233 13.84 1.83 -6.76
CA ILE A 233 14.76 0.74 -6.44
C ILE A 233 14.00 -0.56 -6.63
N ILE A 234 14.73 -1.66 -6.68
CA ILE A 234 14.14 -3.00 -6.61
C ILE A 234 14.27 -3.50 -5.18
N PRO A 235 13.18 -3.55 -4.41
CA PRO A 235 13.31 -3.90 -2.98
C PRO A 235 13.78 -5.33 -2.78
N ALA A 236 14.52 -5.53 -1.69
CA ALA A 236 15.07 -6.85 -1.38
C ALA A 236 13.98 -7.89 -1.16
N VAL A 237 12.80 -7.48 -0.67
CA VAL A 237 11.75 -8.47 -0.37
C VAL A 237 11.03 -8.96 -1.61
N LEU A 238 11.32 -8.41 -2.79
CA LEU A 238 10.64 -8.77 -4.03
C LEU A 238 11.56 -9.62 -4.91
N ASP A 239 11.06 -10.78 -5.34
CA ASP A 239 11.75 -11.61 -6.34
C ASP A 239 11.03 -11.41 -7.66
N VAL A 240 11.63 -10.64 -8.56
CA VAL A 240 10.96 -10.31 -9.81
C VAL A 240 10.70 -11.54 -10.67
N ASN A 241 11.35 -12.66 -10.37
CA ASN A 241 11.24 -13.83 -11.25
C ASN A 241 9.87 -14.49 -11.19
N ILE A 242 9.08 -14.22 -10.15
CA ILE A 242 7.77 -14.86 -10.06
C ILE A 242 6.70 -14.11 -10.83
N LEU A 243 7.04 -12.95 -11.39
CA LEU A 243 6.06 -12.10 -12.05
C LEU A 243 5.89 -12.47 -13.52
N GLU A 244 4.64 -12.45 -13.97
CA GLU A 244 4.38 -12.62 -15.40
C GLU A 244 4.82 -11.39 -16.19
N GLU A 245 4.68 -10.21 -15.59
CA GLU A 245 4.77 -8.94 -16.31
C GLU A 245 4.67 -7.82 -15.29
N VAL A 246 5.32 -6.68 -15.54
CA VAL A 246 5.07 -5.46 -14.78
C VAL A 246 4.47 -4.44 -15.73
N VAL A 247 3.19 -4.11 -15.52
CA VAL A 247 2.45 -3.19 -16.36
C VAL A 247 2.83 -1.77 -15.99
N GLN A 248 3.13 -0.94 -16.99
CA GLN A 248 3.50 0.46 -16.78
C GLN A 248 2.28 1.35 -16.99
N ILE A 249 2.02 2.23 -16.02
CA ILE A 249 0.87 3.13 -16.02
C ILE A 249 1.37 4.55 -15.76
N SER A 250 0.95 5.50 -16.59
CA SER A 250 1.35 6.88 -16.39
C SER A 250 0.61 7.52 -15.22
N SER A 251 1.23 8.56 -14.63
CA SER A 251 0.56 9.31 -13.58
C SER A 251 -0.79 9.83 -14.05
N GLU A 252 -0.84 10.31 -15.30
CA GLU A 252 -2.08 10.83 -15.85
C GLU A 252 -3.14 9.74 -15.92
N GLU A 253 -2.79 8.56 -16.45
CA GLU A 253 -3.77 7.48 -16.56
C GLU A 253 -4.24 7.02 -15.20
N ALA A 254 -3.32 6.97 -14.22
CA ALA A 254 -3.71 6.56 -12.88
C ALA A 254 -4.73 7.52 -12.29
N ILE A 255 -4.50 8.82 -12.46
CA ILE A 255 -5.43 9.82 -11.95
C ILE A 255 -6.79 9.74 -12.66
N GLU A 256 -6.79 9.59 -13.98
CA GLU A 256 -8.08 9.50 -14.68
C GLU A 256 -8.85 8.25 -14.27
N THR A 257 -8.16 7.13 -14.06
CA THR A 257 -8.85 5.91 -13.67
C THR A 257 -9.38 6.01 -12.23
N ALA A 258 -8.61 6.64 -11.32
CA ALA A 258 -9.13 6.89 -9.97
C ALA A 258 -10.41 7.73 -10.03
N LYS A 259 -10.47 8.73 -10.91
CA LYS A 259 -11.69 9.52 -11.01
CA LYS A 259 -11.68 9.53 -11.02
C LYS A 259 -12.86 8.69 -11.50
N LEU A 260 -12.59 7.74 -12.42
CA LEU A 260 -13.65 6.86 -12.90
C LEU A 260 -14.08 5.86 -11.84
N LEU A 261 -13.18 5.43 -10.96
CA LEU A 261 -13.62 4.55 -9.88
C LEU A 261 -14.68 5.25 -9.04
N ALA A 262 -14.50 6.53 -8.74
CA ALA A 262 -15.50 7.22 -7.94
C ALA A 262 -16.79 7.42 -8.73
N LEU A 263 -16.68 7.87 -9.98
CA LEU A 263 -17.87 8.26 -10.73
C LEU A 263 -18.67 7.06 -11.25
N LYS A 264 -18.00 5.95 -11.56
CA LYS A 264 -18.70 4.79 -12.13
C LYS A 264 -18.96 3.69 -11.12
N GLU A 265 -18.08 3.51 -10.12
CA GLU A 265 -18.23 2.44 -9.15
C GLU A 265 -18.67 2.91 -7.77
N GLY A 266 -18.69 4.23 -7.53
CA GLY A 266 -18.95 4.72 -6.17
C GLY A 266 -17.82 4.44 -5.20
N LEU A 267 -16.59 4.28 -5.69
CA LEU A 267 -15.42 3.95 -4.86
C LEU A 267 -14.44 5.12 -4.91
N LEU A 268 -14.32 5.85 -3.80
CA LEU A 268 -13.42 7.02 -3.75
C LEU A 268 -12.02 6.52 -3.46
N MET A 269 -11.26 6.22 -4.49
CA MET A 269 -9.98 5.57 -4.23
CA MET A 269 -9.97 5.53 -4.40
C MET A 269 -8.83 6.50 -4.59
N GLY A 270 -7.64 6.14 -4.09
CA GLY A 270 -6.44 6.91 -4.32
C GLY A 270 -5.78 6.62 -5.66
N ILE A 271 -4.68 7.34 -5.90
CA ILE A 271 -4.01 7.28 -7.20
C ILE A 271 -3.43 5.89 -7.47
N SER A 272 -2.83 5.26 -6.45
CA SER A 272 -2.26 3.92 -6.70
C SER A 272 -3.35 2.88 -6.99
N SER A 273 -4.54 3.02 -6.39
CA SER A 273 -5.65 2.14 -6.78
C SER A 273 -6.10 2.43 -8.20
N GLY A 274 -6.07 3.69 -8.61
CA GLY A 274 -6.33 4.02 -10.01
C GLY A 274 -5.35 3.34 -10.95
N ALA A 275 -4.07 3.33 -10.59
CA ALA A 275 -3.06 2.68 -11.44
C ALA A 275 -3.30 1.18 -11.51
N ALA A 276 -3.56 0.55 -10.36
CA ALA A 276 -3.80 -0.89 -10.35
C ALA A 276 -5.05 -1.25 -11.15
N ALA A 277 -6.13 -0.49 -10.97
CA ALA A 277 -7.35 -0.74 -11.75
C ALA A 277 -7.09 -0.59 -13.26
N ALA A 278 -6.36 0.45 -13.65
CA ALA A 278 -6.08 0.61 -15.07
C ALA A 278 -5.35 -0.59 -15.63
N ALA A 279 -4.38 -1.13 -14.87
CA ALA A 279 -3.63 -2.29 -15.33
C ALA A 279 -4.51 -3.52 -15.40
N ALA A 280 -5.35 -3.73 -14.38
CA ALA A 280 -6.23 -4.89 -14.36
C ALA A 280 -7.21 -4.86 -15.54
N ILE A 281 -7.73 -3.67 -15.87
CA ILE A 281 -8.68 -3.54 -16.97
C ILE A 281 -8.00 -3.84 -18.31
N LYS A 282 -6.76 -3.38 -18.50
CA LYS A 282 -6.02 -3.72 -19.71
C LYS A 282 -5.81 -5.23 -19.82
N VAL A 283 -5.32 -5.86 -18.75
CA VAL A 283 -5.12 -7.31 -18.77
C VAL A 283 -6.44 -8.02 -19.02
N GLY A 284 -7.52 -7.52 -18.42
CA GLY A 284 -8.84 -8.11 -18.55
C GLY A 284 -9.46 -7.98 -19.93
N LYS A 285 -8.89 -7.16 -20.81
CA LYS A 285 -9.39 -7.07 -22.18
C LYS A 285 -8.68 -8.01 -23.14
N ARG A 286 -7.63 -8.68 -22.68
CA ARG A 286 -6.88 -9.59 -23.54
C ARG A 286 -7.68 -10.85 -23.80
N PRO A 287 -7.81 -11.31 -25.06
CA PRO A 287 -8.62 -12.51 -25.34
C PRO A 287 -8.17 -13.76 -24.59
N GLU A 288 -6.87 -13.89 -24.27
CA GLU A 288 -6.42 -15.09 -23.57
C GLU A 288 -6.99 -15.17 -22.15
N ASN A 289 -7.51 -14.08 -21.62
CA ASN A 289 -8.08 -14.04 -20.28
C ASN A 289 -9.61 -14.11 -20.29
N ALA A 290 -10.22 -14.43 -21.44
CA ALA A 290 -11.68 -14.52 -21.49
C ALA A 290 -12.17 -15.55 -20.49
N GLY A 291 -13.16 -15.16 -19.68
CA GLY A 291 -13.73 -16.05 -18.70
C GLY A 291 -12.93 -16.22 -17.41
N LYS A 292 -11.79 -15.55 -17.27
CA LYS A 292 -10.98 -15.69 -16.07
C LYS A 292 -11.41 -14.68 -15.02
N LEU A 293 -10.96 -14.91 -13.78
CA LEU A 293 -11.18 -14.00 -12.66
C LEU A 293 -9.86 -13.34 -12.28
N ILE A 294 -9.80 -12.01 -12.39
CA ILE A 294 -8.63 -11.22 -12.02
C ILE A 294 -8.94 -10.51 -10.72
N VAL A 295 -8.06 -10.66 -9.72
CA VAL A 295 -8.16 -9.92 -8.46
C VAL A 295 -7.13 -8.80 -8.50
N VAL A 296 -7.56 -7.57 -8.16
CA VAL A 296 -6.67 -6.41 -8.13
C VAL A 296 -6.67 -5.83 -6.73
N ILE A 297 -5.48 -5.46 -6.23
CA ILE A 297 -5.33 -4.86 -4.89
C ILE A 297 -5.56 -3.36 -4.97
N PHE A 298 -6.46 -2.84 -4.14
CA PHE A 298 -6.65 -1.40 -3.95
C PHE A 298 -6.05 -1.06 -2.58
N PRO A 299 -4.89 -0.40 -2.53
CA PRO A 299 -4.16 -0.28 -1.24
C PRO A 299 -4.78 0.65 -0.20
N SER A 300 -5.52 1.69 -0.59
CA SER A 300 -5.93 2.72 0.37
CA SER A 300 -5.92 2.73 0.35
C SER A 300 -7.19 3.39 -0.15
N PHE A 301 -7.62 4.49 0.52
CA PHE A 301 -8.85 5.24 0.27
C PHE A 301 -8.48 6.62 -0.26
N GLY A 302 -9.35 7.20 -1.08
CA GLY A 302 -9.03 8.50 -1.64
C GLY A 302 -9.06 9.64 -0.65
N GLU A 303 -9.78 9.50 0.47
CA GLU A 303 -9.88 10.57 1.45
C GLU A 303 -8.51 10.88 2.06
N ARG A 304 -7.59 9.91 2.01
CA ARG A 304 -6.26 10.15 2.53
C ARG A 304 -5.42 11.04 1.61
N TYR A 305 -5.95 11.41 0.44
CA TYR A 305 -5.15 12.07 -0.57
C TYR A 305 -5.82 13.34 -1.10
N LEU A 306 -6.65 14.00 -0.28
CA LEU A 306 -7.43 15.13 -0.80
C LEU A 306 -6.58 16.34 -1.18
N SER A 307 -5.35 16.43 -0.67
CA SER A 307 -4.47 17.53 -1.08
CA SER A 307 -4.46 17.53 -1.06
C SER A 307 -3.59 17.17 -2.26
N SER A 308 -3.80 16.01 -2.87
CA SER A 308 -2.96 15.51 -3.94
C SER A 308 -3.45 16.02 -5.28
N PRO A 309 -2.65 15.84 -6.35
CA PRO A 309 -3.12 16.27 -7.68
C PRO A 309 -4.38 15.58 -8.15
N LEU A 310 -4.75 14.44 -7.55
CA LEU A 310 -6.00 13.79 -7.91
C LEU A 310 -7.19 14.71 -7.76
N PHE A 311 -7.15 15.63 -6.81
CA PHE A 311 -8.29 16.51 -6.53
C PHE A 311 -7.99 17.97 -6.83
N GLU A 312 -6.89 18.27 -7.52
CA GLU A 312 -6.43 19.65 -7.67
C GLU A 312 -7.50 20.55 -8.27
N SER A 313 -8.07 20.14 -9.41
CA SER A 313 -9.01 21.04 -10.10
C SER A 313 -10.34 21.16 -9.35
N ILE A 314 -10.79 20.09 -8.69
CA ILE A 314 -11.98 20.20 -7.84
C ILE A 314 -11.72 21.14 -6.68
N ARG A 315 -10.55 21.01 -6.04
CA ARG A 315 -10.22 21.86 -4.89
CA ARG A 315 -10.18 21.85 -4.92
C ARG A 315 -10.27 23.33 -5.27
N GLN A 316 -9.80 23.68 -6.47
CA GLN A 316 -9.87 25.06 -6.93
C GLN A 316 -11.31 25.54 -7.08
N GLU A 317 -12.19 24.69 -7.62
CA GLU A 317 -13.59 25.08 -7.78
C GLU A 317 -14.25 25.30 -6.42
N ALA A 318 -14.06 24.35 -5.50
CA ALA A 318 -14.75 24.41 -4.21
C ALA A 318 -14.27 25.58 -3.37
N GLU A 319 -13.03 26.03 -3.56
CA GLU A 319 -12.52 27.16 -2.79
C GLU A 319 -13.23 28.45 -3.14
N GLN A 320 -13.78 28.56 -4.36
CA GLN A 320 -14.36 29.80 -4.87
C GLN A 320 -15.87 29.87 -4.71
N MET A 321 -16.45 29.05 -3.83
CA MET A 321 -17.89 28.97 -3.69
C MET A 321 -18.34 29.61 -2.38
N THR A 322 -19.55 30.20 -2.41
CA THR A 322 -20.11 30.94 -1.29
C THR A 322 -21.59 30.60 -1.18
N PHE A 323 -22.26 31.19 -0.20
CA PHE A 323 -23.70 31.01 -0.04
C PHE A 323 -24.50 32.18 -0.61
#